data_1HBZ
#
_entry.id   1HBZ
#
_cell.length_a   106.700
_cell.length_b   106.700
_cell.length_c   106.250
_cell.angle_alpha   90.00
_cell.angle_beta   90.00
_cell.angle_gamma   90.00
#
_symmetry.space_group_name_H-M   'P 42 21 2'
#
loop_
_entity.id
_entity.type
_entity.pdbx_description
1 polymer CATALASE
2 non-polymer 'PROTOPORPHYRIN IX CONTAINING FE'
3 non-polymer 'SULFATE ION'
4 water water
#
_entity_poly.entity_id   1
_entity_poly.type   'polypeptide(L)'
_entity_poly.pdbx_seq_one_letter_code
;TTPHATGSTRQNGAPAVSDRQSLTVGSEGPIVLHDTHLLETHQHFNRMNIPERRPHAKGSGAFGEFEVTEDVSKYTKALV
FQPGTKTETLLRFSTVAGELGSPDTWRDVRGFALRFYTEEGNYDLVGNNTPIFFLRDPMKFTHFIRSQKRLPDSGLRDAT
MQWDFWTNNPESAHQVTYLMGPRGLPRTWREMNGYGSHTYLWVNAQGEKHWVKYHFISQQGVHNLSNDEATKIAGENADF
HRQDLFESIAKGDHPKWDLYIQAIPYEEGKTYRFNPFDLTKTISQKDYPRIKVGTLTLNRNPKNHFAQIESAAFSPSNTV
PGIGLSPDRMLLGRAFAYHDAQLYRVGAHVNQLPVNRPKNAVHNYAFEGQMWYDHTGDRSTYVPNSNGDSWSDETGPVDD
GWEADGTLTREAQALRADDDDFGQAGTLVREVFSDQERDDFVETVAGALKGVRQDVQARAFEYWKNVDATIGQRIEDEVK
RHEGDGIPGVEAGGEARI
;
_entity_poly.pdbx_strand_id   A
#
loop_
_chem_comp.id
_chem_comp.type
_chem_comp.name
_chem_comp.formula
HEM non-polymer 'PROTOPORPHYRIN IX CONTAINING FE' 'C34 H32 Fe N4 O4'
SO4 non-polymer 'SULFATE ION' 'O4 S -2'
#
# COMPACT_ATOMS: atom_id res chain seq x y z
N THR A 1 2.08 -12.64 42.82
CA THR A 1 1.23 -12.03 43.89
C THR A 1 2.03 -11.36 44.99
N THR A 2 1.82 -10.06 45.08
CA THR A 2 2.39 -9.29 46.16
C THR A 2 1.41 -9.38 47.33
N PRO A 3 1.90 -9.11 48.53
CA PRO A 3 1.11 -9.25 49.75
C PRO A 3 -0.20 -8.42 49.83
N HIS A 4 -0.18 -7.28 49.17
CA HIS A 4 -1.32 -6.38 49.16
C HIS A 4 -2.01 -6.27 47.81
N ALA A 5 -1.81 -7.28 46.98
CA ALA A 5 -2.40 -7.31 45.65
C ALA A 5 -3.92 -7.29 45.72
N THR A 6 -4.50 -6.70 44.68
CA THR A 6 -5.94 -6.62 44.55
C THR A 6 -6.50 -7.18 43.24
N GLY A 7 -5.66 -7.63 42.31
CA GLY A 7 -6.12 -8.18 41.05
C GLY A 7 -5.66 -7.44 39.79
N SER A 8 -5.16 -6.23 39.95
CA SER A 8 -4.63 -5.43 38.86
C SER A 8 -3.82 -4.30 39.50
N THR A 9 -3.05 -3.59 38.66
CA THR A 9 -2.17 -2.53 39.14
C THR A 9 -2.43 -1.22 38.42
N ARG A 10 -1.91 -0.16 38.98
CA ARG A 10 -1.78 1.12 38.30
C ARG A 10 -0.54 1.03 37.40
N GLN A 11 -0.19 2.13 36.75
CA GLN A 11 0.96 2.12 35.84
C GLN A 11 2.29 1.96 36.55
N ASN A 12 2.37 2.31 37.83
CA ASN A 12 3.59 2.15 38.60
C ASN A 12 3.76 0.78 39.22
N GLY A 13 2.82 -0.13 38.95
CA GLY A 13 2.89 -1.48 39.50
C GLY A 13 2.24 -1.65 40.86
N ALA A 14 1.73 -0.58 41.49
CA ALA A 14 1.05 -0.72 42.76
C ALA A 14 -0.39 -1.19 42.55
N PRO A 15 -0.93 -1.93 43.49
CA PRO A 15 -2.31 -2.38 43.40
C PRO A 15 -3.28 -1.25 43.09
N ALA A 16 -4.21 -1.52 42.16
CA ALA A 16 -5.15 -0.50 41.73
C ALA A 16 -6.38 -0.30 42.61
N VAL A 17 -6.67 -1.30 43.46
CA VAL A 17 -7.80 -1.30 44.41
C VAL A 17 -9.15 -1.54 43.75
N SER A 18 -9.50 -0.77 42.71
CA SER A 18 -10.74 -1.01 42.00
C SER A 18 -10.65 -0.58 40.55
N ASP A 19 -11.07 -1.45 39.64
CA ASP A 19 -11.27 -1.12 38.24
C ASP A 19 -12.76 -0.83 37.97
N ARG A 20 -13.57 -0.66 39.01
CA ARG A 20 -15.00 -0.56 38.86
C ARG A 20 -15.72 0.60 39.56
N GLN A 21 -15.10 1.25 40.55
CA GLN A 21 -15.72 2.34 41.31
C GLN A 21 -14.68 3.43 41.52
N SER A 22 -15.13 4.68 41.43
CA SER A 22 -14.31 5.86 41.62
C SER A 22 -14.20 6.20 43.11
N LEU A 23 -13.22 7.05 43.42
CA LEU A 23 -12.94 7.46 44.81
C LEU A 23 -13.78 8.68 45.14
N THR A 24 -14.73 8.53 46.08
CA THR A 24 -15.68 9.59 46.43
C THR A 24 -15.69 9.88 47.92
N VAL A 25 -16.25 11.04 48.27
CA VAL A 25 -16.42 11.45 49.67
C VAL A 25 -17.75 10.84 50.13
N GLY A 26 -17.66 9.67 50.73
CA GLY A 26 -18.85 8.90 51.04
C GLY A 26 -19.47 8.33 49.79
N SER A 27 -20.52 7.53 49.94
CA SER A 27 -21.14 6.95 48.76
C SER A 27 -21.82 7.98 47.88
N GLU A 28 -22.32 9.07 48.46
CA GLU A 28 -23.10 10.04 47.73
C GLU A 28 -22.34 11.27 47.30
N GLY A 29 -21.05 11.35 47.64
CA GLY A 29 -20.26 12.54 47.42
C GLY A 29 -19.56 12.61 46.09
N PRO A 30 -18.86 13.73 45.88
CA PRO A 30 -18.16 13.94 44.63
C PRO A 30 -16.91 13.09 44.53
N ILE A 31 -16.45 12.92 43.28
CA ILE A 31 -15.17 12.28 43.02
C ILE A 31 -14.07 13.26 43.37
N VAL A 32 -13.04 12.76 44.03
CA VAL A 32 -11.89 13.59 44.40
C VAL A 32 -10.87 13.64 43.27
N LEU A 33 -10.12 14.74 43.22
CA LEU A 33 -9.09 14.91 42.20
C LEU A 33 -8.03 13.83 42.27
N HIS A 34 -7.73 13.32 43.45
CA HIS A 34 -6.66 12.34 43.62
C HIS A 34 -7.06 10.88 43.43
N ASP A 35 -8.12 10.64 42.65
CA ASP A 35 -8.36 9.29 42.14
C ASP A 35 -7.41 9.04 40.97
N THR A 36 -6.18 8.68 41.31
CA THR A 36 -5.13 8.56 40.32
C THR A 36 -5.35 7.41 39.37
N HIS A 37 -6.08 6.38 39.79
CA HIS A 37 -6.34 5.28 38.88
C HIS A 37 -7.38 5.72 37.86
N LEU A 38 -8.41 6.44 38.27
CA LEU A 38 -9.35 7.02 37.33
C LEU A 38 -8.61 7.91 36.33
N LEU A 39 -7.74 8.77 36.83
CA LEU A 39 -7.03 9.68 35.94
C LEU A 39 -6.11 8.94 34.97
N GLU A 40 -5.35 7.96 35.45
CA GLU A 40 -4.43 7.28 34.56
C GLU A 40 -5.20 6.54 33.49
N THR A 41 -6.24 5.82 33.90
CA THR A 41 -6.96 5.02 32.90
C THR A 41 -7.71 5.88 31.90
N HIS A 42 -8.32 6.99 32.31
CA HIS A 42 -9.00 7.87 31.38
C HIS A 42 -8.01 8.64 30.49
N GLN A 43 -6.90 9.12 31.05
CA GLN A 43 -5.93 9.82 30.20
C GLN A 43 -5.35 8.87 29.17
N HIS A 44 -5.18 7.60 29.49
CA HIS A 44 -4.70 6.68 28.49
C HIS A 44 -5.74 6.41 27.42
N PHE A 45 -6.97 6.15 27.86
CA PHE A 45 -8.10 5.95 26.95
C PHE A 45 -8.18 7.08 25.95
N ASN A 46 -8.00 8.30 26.44
CA ASN A 46 -8.10 9.48 25.59
C ASN A 46 -6.92 9.62 24.60
N ARG A 47 -5.90 8.77 24.73
CA ARG A 47 -4.73 8.81 23.87
C ARG A 47 -4.53 7.47 23.15
N MET A 48 -5.53 6.60 23.13
CA MET A 48 -5.44 5.32 22.44
C MET A 48 -5.42 5.44 20.94
N ASN A 49 -6.22 6.37 20.41
CA ASN A 49 -6.32 6.55 18.98
C ASN A 49 -5.09 7.27 18.45
N ILE A 50 -4.65 6.86 17.28
CA ILE A 50 -3.55 7.50 16.58
C ILE A 50 -4.06 7.89 15.20
N PRO A 51 -3.45 8.86 14.53
CA PRO A 51 -3.95 9.19 13.20
C PRO A 51 -3.99 7.95 12.32
N GLU A 52 -5.06 7.75 11.57
CA GLU A 52 -5.12 6.65 10.65
C GLU A 52 -4.17 6.92 9.47
N ARG A 53 -3.77 5.87 8.79
CA ARG A 53 -2.93 6.06 7.59
C ARG A 53 -3.67 6.83 6.54
N ARG A 54 -2.91 7.65 5.86
CA ARG A 54 -3.39 8.31 4.66
C ARG A 54 -2.48 8.04 3.49
N PRO A 55 -2.89 7.31 2.46
CA PRO A 55 -4.10 6.53 2.35
C PRO A 55 -3.89 5.14 2.97
N HIS A 56 -4.81 4.21 2.70
CA HIS A 56 -4.75 2.82 3.16
C HIS A 56 -5.06 2.61 4.64
N ALA A 57 -5.97 3.41 5.14
CA ALA A 57 -6.36 3.30 6.54
C ALA A 57 -6.97 1.97 6.95
N LYS A 58 -7.77 1.35 6.07
CA LYS A 58 -8.53 0.15 6.44
C LYS A 58 -7.81 -1.08 5.96
N GLY A 59 -7.36 -1.92 6.88
CA GLY A 59 -6.61 -3.09 6.48
C GLY A 59 -6.33 -4.06 7.61
N SER A 60 -5.68 -5.16 7.28
CA SER A 60 -5.27 -6.15 8.28
C SER A 60 -4.17 -6.99 7.68
N GLY A 61 -3.64 -7.94 8.41
CA GLY A 61 -2.52 -8.69 7.90
C GLY A 61 -2.20 -9.92 8.72
N ALA A 62 -1.06 -10.50 8.36
CA ALA A 62 -0.61 -11.76 8.95
C ALA A 62 0.86 -11.92 8.69
N PHE A 63 1.48 -12.81 9.45
CA PHE A 63 2.87 -13.17 9.30
C PHE A 63 3.01 -14.45 8.47
N GLY A 64 4.19 -14.63 7.90
CA GLY A 64 4.44 -15.82 7.10
C GLY A 64 5.91 -16.00 6.83
N GLU A 65 6.15 -16.68 5.72
CA GLU A 65 7.51 -17.04 5.31
C GLU A 65 7.61 -16.99 3.82
N PHE A 66 8.77 -16.56 3.35
CA PHE A 66 9.13 -16.60 1.94
C PHE A 66 10.26 -17.61 1.75
N GLU A 67 10.13 -18.49 0.75
CA GLU A 67 11.15 -19.48 0.47
C GLU A 67 11.60 -19.33 -0.99
N VAL A 68 12.91 -19.14 -1.17
CA VAL A 68 13.49 -19.08 -2.50
C VAL A 68 13.64 -20.51 -3.01
N THR A 69 13.12 -20.77 -4.19
CA THR A 69 13.19 -22.12 -4.81
C THR A 69 13.89 -22.15 -6.15
N GLU A 70 14.36 -21.02 -6.64
CA GLU A 70 15.08 -20.93 -7.91
C GLU A 70 16.37 -20.19 -7.65
N ASP A 71 17.26 -20.16 -8.62
CA ASP A 71 18.55 -19.47 -8.49
C ASP A 71 18.52 -18.21 -9.35
N VAL A 72 18.37 -17.07 -8.68
CA VAL A 72 18.42 -15.76 -9.34
C VAL A 72 19.64 -14.96 -8.90
N SER A 73 20.65 -15.68 -8.42
CA SER A 73 21.89 -15.05 -7.98
C SER A 73 22.62 -14.28 -9.08
N LYS A 74 22.42 -14.62 -10.36
CA LYS A 74 23.06 -13.83 -11.39
C LYS A 74 22.47 -12.44 -11.49
N TYR A 75 21.28 -12.24 -10.93
CA TYR A 75 20.61 -10.94 -11.02
C TYR A 75 20.73 -10.08 -9.76
N THR A 76 20.85 -10.67 -8.58
CA THR A 76 20.99 -9.88 -7.36
C THR A 76 21.88 -10.56 -6.34
N LYS A 77 22.57 -9.74 -5.55
CA LYS A 77 23.34 -10.17 -4.41
C LYS A 77 22.58 -10.09 -3.10
N ALA A 78 21.30 -9.67 -3.14
CA ALA A 78 20.54 -9.53 -1.90
C ALA A 78 20.42 -10.84 -1.19
N LEU A 79 20.68 -10.84 0.10
CA LEU A 79 20.68 -12.09 0.87
C LEU A 79 19.34 -12.79 0.84
N VAL A 80 18.27 -12.02 0.92
CA VAL A 80 16.91 -12.56 0.97
C VAL A 80 16.58 -13.41 -0.25
N PHE A 81 17.21 -13.15 -1.38
CA PHE A 81 16.86 -13.89 -2.61
C PHE A 81 17.96 -14.86 -3.05
N GLN A 82 18.89 -15.18 -2.19
CA GLN A 82 19.92 -16.17 -2.55
C GLN A 82 19.32 -17.56 -2.46
N PRO A 83 19.90 -18.50 -3.23
CA PRO A 83 19.37 -19.86 -3.28
C PRO A 83 19.11 -20.47 -1.92
N GLY A 84 17.91 -21.04 -1.81
CA GLY A 84 17.46 -21.79 -0.66
C GLY A 84 17.07 -21.00 0.58
N THR A 85 17.14 -19.68 0.50
CA THR A 85 16.90 -18.86 1.67
C THR A 85 15.41 -18.77 2.07
N LYS A 86 15.16 -18.94 3.36
CA LYS A 86 13.83 -18.81 3.95
C LYS A 86 13.87 -17.60 4.87
N THR A 87 12.88 -16.72 4.74
CA THR A 87 12.80 -15.47 5.49
C THR A 87 11.40 -15.25 6.05
N GLU A 88 11.34 -14.82 7.31
CA GLU A 88 10.07 -14.45 7.94
C GLU A 88 9.52 -13.17 7.28
N THR A 89 8.20 -13.15 7.11
CA THR A 89 7.53 -12.00 6.48
C THR A 89 6.34 -11.52 7.33
N LEU A 90 5.95 -10.28 7.02
CA LEU A 90 4.72 -9.66 7.51
C LEU A 90 4.05 -9.04 6.28
N LEU A 91 2.76 -9.23 6.12
CA LEU A 91 2.01 -8.69 4.98
C LEU A 91 0.77 -7.97 5.51
N ARG A 92 0.60 -6.71 5.13
CA ARG A 92 -0.65 -5.98 5.42
C ARG A 92 -1.37 -5.71 4.10
N PHE A 93 -2.64 -6.06 4.09
CA PHE A 93 -3.54 -5.78 2.97
C PHE A 93 -4.43 -4.60 3.36
N SER A 94 -4.95 -3.87 2.39
CA SER A 94 -5.75 -2.69 2.68
C SER A 94 -6.52 -2.22 1.47
N THR A 95 -7.54 -1.40 1.70
CA THR A 95 -8.09 -0.57 0.64
C THR A 95 -7.27 0.75 0.60
N VAL A 96 -7.70 1.74 -0.13
CA VAL A 96 -6.98 2.98 -0.29
C VAL A 96 -7.72 4.19 0.28
N ALA A 97 -8.95 4.41 -0.16
CA ALA A 97 -9.65 5.66 0.12
C ALA A 97 -10.37 5.75 1.44
N GLY A 98 -10.99 4.67 1.87
CA GLY A 98 -11.84 4.70 3.04
C GLY A 98 -11.05 4.80 4.32
N GLU A 99 -11.73 5.28 5.33
CA GLU A 99 -11.16 5.49 6.65
C GLU A 99 -11.23 4.22 7.48
N LEU A 100 -10.67 4.27 8.69
N LEU A 100 -10.86 4.39 8.73
CA LEU A 100 -10.58 3.12 9.61
CA LEU A 100 -10.93 3.34 9.70
C LEU A 100 -11.73 2.20 9.77
C LEU A 100 -12.43 2.99 9.80
N GLY A 101 -12.97 2.71 9.72
N GLY A 101 -12.73 1.71 9.91
CA GLY A 101 -14.16 1.90 9.93
CA GLY A 101 -14.10 1.28 9.93
C GLY A 101 -14.99 1.60 8.66
C GLY A 101 -14.86 1.28 8.60
N SER A 102 -14.38 1.94 7.55
CA SER A 102 -15.08 1.81 6.26
C SER A 102 -15.15 0.36 5.82
N PRO A 103 -16.20 0.00 5.07
CA PRO A 103 -16.33 -1.37 4.61
C PRO A 103 -15.19 -1.85 3.73
N ASP A 104 -14.82 -3.09 3.94
CA ASP A 104 -13.79 -3.74 3.16
C ASP A 104 -14.14 -3.90 1.68
N THR A 105 -15.41 -4.04 1.34
CA THR A 105 -15.79 -4.39 -0.04
C THR A 105 -16.20 -3.22 -0.91
N TRP A 106 -15.72 -2.02 -0.63
CA TRP A 106 -15.86 -0.92 -1.57
C TRP A 106 -15.00 -1.17 -2.83
N ARG A 107 -15.40 -0.65 -3.97
CA ARG A 107 -14.57 -0.71 -5.17
C ARG A 107 -13.37 0.22 -4.97
N ASP A 108 -12.17 -0.35 -5.12
CA ASP A 108 -10.95 0.39 -4.83
C ASP A 108 -9.74 -0.45 -5.21
N VAL A 109 -8.59 0.20 -5.24
CA VAL A 109 -7.30 -0.48 -5.25
C VAL A 109 -7.10 -1.17 -3.91
N ARG A 110 -6.38 -2.28 -3.88
CA ARG A 110 -5.95 -2.90 -2.63
C ARG A 110 -4.43 -2.85 -2.51
N GLY A 111 -3.98 -2.53 -1.29
CA GLY A 111 -2.57 -2.61 -0.99
C GLY A 111 -2.10 -4.00 -0.68
N PHE A 112 -0.81 -4.22 -0.91
CA PHE A 112 -0.12 -5.51 -0.75
C PHE A 112 1.27 -5.14 -0.20
N ALA A 113 1.35 -4.88 1.12
CA ALA A 113 2.58 -4.38 1.74
C ALA A 113 3.30 -5.51 2.43
N LEU A 114 4.47 -5.88 1.91
CA LEU A 114 5.21 -7.03 2.35
C LEU A 114 6.59 -6.69 2.91
N ARG A 115 6.84 -7.12 4.13
CA ARG A 115 8.13 -6.96 4.77
C ARG A 115 8.82 -8.32 4.84
N PHE A 116 10.09 -8.33 4.49
CA PHE A 116 10.96 -9.48 4.69
C PHE A 116 11.96 -9.10 5.79
N TYR A 117 12.03 -9.92 6.85
CA TYR A 117 12.97 -9.66 7.94
C TYR A 117 14.30 -10.32 7.61
N THR A 118 15.14 -9.66 6.81
CA THR A 118 16.36 -10.27 6.30
C THR A 118 17.52 -10.13 7.25
N GLU A 119 18.54 -10.91 6.96
CA GLU A 119 19.77 -10.86 7.75
C GLU A 119 20.59 -9.59 7.54
N GLU A 120 20.23 -8.77 6.55
CA GLU A 120 20.88 -7.51 6.27
C GLU A 120 19.88 -6.35 6.30
N GLY A 121 18.86 -6.51 7.13
CA GLY A 121 17.89 -5.47 7.35
C GLY A 121 16.49 -5.82 6.90
N ASN A 122 15.53 -4.97 7.28
CA ASN A 122 14.16 -5.18 6.85
C ASN A 122 14.00 -4.67 5.43
N TYR A 123 13.56 -5.55 4.54
CA TYR A 123 13.35 -5.20 3.16
C TYR A 123 11.84 -5.10 2.93
N ASP A 124 11.35 -3.92 2.59
CA ASP A 124 9.91 -3.75 2.38
C ASP A 124 9.61 -3.59 0.89
N LEU A 125 8.67 -4.40 0.40
CA LEU A 125 8.19 -4.37 -0.97
C LEU A 125 6.71 -3.94 -0.79
N VAL A 126 6.50 -2.65 -0.95
CA VAL A 126 5.20 -2.05 -0.63
C VAL A 126 4.44 -1.92 -1.95
N GLY A 127 3.64 -2.95 -2.23
CA GLY A 127 2.96 -3.05 -3.50
C GLY A 127 1.47 -2.84 -3.41
N ASN A 128 0.83 -3.08 -4.55
CA ASN A 128 -0.62 -2.99 -4.69
C ASN A 128 -1.11 -4.22 -5.46
N ASN A 129 -2.43 -4.36 -5.60
CA ASN A 129 -3.01 -5.46 -6.39
C ASN A 129 -3.14 -5.19 -7.87
N THR A 130 -2.34 -4.24 -8.35
CA THR A 130 -2.31 -3.84 -9.75
C THR A 130 -0.86 -3.56 -10.13
N PRO A 131 -0.46 -3.86 -11.37
CA PRO A 131 0.91 -3.60 -11.82
C PRO A 131 1.19 -2.15 -12.15
N ILE A 132 0.17 -1.31 -12.22
CA ILE A 132 0.32 0.09 -12.60
C ILE A 132 -0.33 0.99 -11.57
N PHE A 133 -0.21 2.30 -11.77
CA PHE A 133 -0.93 3.23 -10.94
C PHE A 133 -1.48 4.35 -11.82
N PHE A 134 -2.23 5.25 -11.19
CA PHE A 134 -2.94 6.31 -11.88
C PHE A 134 -2.11 7.46 -12.40
N LEU A 135 -0.89 7.62 -11.88
CA LEU A 135 -0.08 8.82 -12.08
C LEU A 135 1.36 8.47 -12.29
N ARG A 136 2.09 9.40 -12.89
CA ARG A 136 3.49 9.21 -13.12
C ARG A 136 4.41 10.29 -12.49
N ASP A 137 3.86 11.23 -11.73
CA ASP A 137 4.66 12.23 -10.99
C ASP A 137 4.05 12.42 -9.62
N PRO A 138 4.84 12.37 -8.55
CA PRO A 138 4.29 12.43 -7.18
C PRO A 138 3.66 13.74 -6.80
N MET A 139 3.93 14.82 -7.53
CA MET A 139 3.25 16.08 -7.24
C MET A 139 1.73 15.92 -7.35
N LYS A 140 1.26 15.04 -8.24
CA LYS A 140 -0.15 14.86 -8.44
C LYS A 140 -0.80 13.96 -7.41
N PHE A 141 -0.03 13.23 -6.60
CA PHE A 141 -0.62 12.21 -5.75
C PHE A 141 -1.49 12.77 -4.65
N THR A 142 -1.09 13.89 -4.07
CA THR A 142 -1.88 14.50 -2.99
C THR A 142 -3.26 14.86 -3.54
N HIS A 143 -3.29 15.49 -4.71
CA HIS A 143 -4.53 15.83 -5.40
C HIS A 143 -5.41 14.63 -5.65
N PHE A 144 -4.81 13.57 -6.18
CA PHE A 144 -5.54 12.35 -6.48
C PHE A 144 -6.21 11.77 -5.24
N ILE A 145 -5.45 11.62 -4.14
CA ILE A 145 -6.04 10.99 -2.97
C ILE A 145 -7.12 11.90 -2.39
N ARG A 146 -6.91 13.20 -2.35
CA ARG A 146 -7.97 14.10 -1.88
C ARG A 146 -9.23 13.95 -2.76
N SER A 147 -9.07 13.77 -4.06
CA SER A 147 -10.24 13.61 -4.94
C SER A 147 -11.01 12.31 -4.67
N GLN A 148 -10.33 11.30 -4.13
CA GLN A 148 -10.94 10.03 -3.81
C GLN A 148 -11.61 10.00 -2.45
N LYS A 149 -11.41 11.05 -1.69
CA LYS A 149 -11.95 11.15 -0.33
C LYS A 149 -13.18 12.07 -0.36
N ARG A 150 -13.28 13.07 0.51
CA ARG A 150 -14.56 13.74 0.71
C ARG A 150 -14.57 15.19 0.35
N LEU A 151 -15.75 15.65 -0.02
CA LEU A 151 -15.96 17.04 -0.34
C LEU A 151 -15.74 17.89 0.92
N PRO A 152 -15.19 19.08 0.74
CA PRO A 152 -14.82 19.89 1.90
C PRO A 152 -15.99 20.40 2.72
N ASP A 153 -17.16 20.63 2.14
CA ASP A 153 -18.28 21.14 2.90
C ASP A 153 -19.15 20.04 3.48
N SER A 154 -19.60 19.09 2.68
CA SER A 154 -20.55 18.09 3.11
C SER A 154 -19.90 16.86 3.69
N GLY A 155 -18.63 16.63 3.45
CA GLY A 155 -18.02 15.43 3.99
C GLY A 155 -18.41 14.14 3.31
N LEU A 156 -18.89 14.23 2.07
CA LEU A 156 -19.30 13.04 1.31
C LEU A 156 -18.32 12.72 0.21
N ARG A 157 -18.16 11.44 -0.10
CA ARG A 157 -17.41 11.06 -1.30
C ARG A 157 -18.28 11.46 -2.50
N ASP A 158 -17.66 11.78 -3.63
CA ASP A 158 -18.39 12.32 -4.77
C ASP A 158 -17.77 11.87 -6.08
N ALA A 159 -18.54 11.14 -6.87
CA ALA A 159 -18.04 10.70 -8.15
C ALA A 159 -17.75 11.86 -9.11
N THR A 160 -18.43 13.00 -8.97
CA THR A 160 -18.09 14.11 -9.84
C THR A 160 -16.65 14.57 -9.62
N MET A 161 -16.26 14.71 -8.35
CA MET A 161 -14.88 15.07 -8.01
C MET A 161 -13.90 14.02 -8.56
N GLN A 162 -14.23 12.75 -8.41
CA GLN A 162 -13.35 11.67 -8.88
C GLN A 162 -13.12 11.72 -10.38
N TRP A 163 -14.20 11.87 -11.13
CA TRP A 163 -14.12 11.95 -12.58
C TRP A 163 -13.54 13.26 -13.08
N ASP A 164 -13.76 14.35 -12.37
CA ASP A 164 -13.15 15.63 -12.75
C ASP A 164 -11.63 15.46 -12.70
N PHE A 165 -11.13 14.86 -11.63
CA PHE A 165 -9.69 14.64 -11.54
C PHE A 165 -9.23 13.66 -12.62
N TRP A 166 -9.87 12.53 -12.78
CA TRP A 166 -9.39 11.55 -13.75
C TRP A 166 -9.40 12.06 -15.18
N THR A 167 -10.47 12.72 -15.58
CA THR A 167 -10.56 13.18 -16.97
C THR A 167 -9.59 14.32 -17.26
N ASN A 168 -9.19 15.09 -16.25
CA ASN A 168 -8.21 16.14 -16.43
C ASN A 168 -6.77 15.66 -16.24
N ASN A 169 -6.58 14.37 -15.97
CA ASN A 169 -5.27 13.76 -15.83
C ASN A 169 -5.31 12.45 -16.63
N PRO A 170 -5.29 12.54 -17.96
CA PRO A 170 -5.47 11.35 -18.79
C PRO A 170 -4.46 10.24 -18.63
N GLU A 171 -3.34 10.52 -17.99
CA GLU A 171 -2.39 9.49 -17.62
C GLU A 171 -3.03 8.41 -16.75
N SER A 172 -4.16 8.73 -16.12
CA SER A 172 -4.88 7.81 -15.30
C SER A 172 -5.60 6.68 -16.02
N ALA A 173 -5.71 6.77 -17.35
CA ALA A 173 -6.57 5.83 -18.06
C ALA A 173 -6.27 4.35 -17.87
N HIS A 174 -5.01 3.98 -17.88
CA HIS A 174 -4.66 2.57 -17.74
C HIS A 174 -5.18 2.01 -16.41
N GLN A 175 -4.88 2.70 -15.31
CA GLN A 175 -5.33 2.20 -14.04
C GLN A 175 -6.82 2.37 -13.79
N VAL A 176 -7.45 3.41 -14.31
CA VAL A 176 -8.91 3.53 -14.14
C VAL A 176 -9.57 2.35 -14.84
N THR A 177 -9.09 1.94 -16.01
CA THR A 177 -9.62 0.77 -16.70
C THR A 177 -9.50 -0.48 -15.83
N TYR A 178 -8.33 -0.69 -15.23
CA TYR A 178 -8.13 -1.84 -14.39
C TYR A 178 -9.04 -1.81 -13.17
N LEU A 179 -9.20 -0.65 -12.55
CA LEU A 179 -10.07 -0.49 -11.38
C LEU A 179 -11.54 -0.74 -11.69
N MET A 180 -11.98 -0.32 -12.88
CA MET A 180 -13.37 -0.46 -13.25
C MET A 180 -13.72 -1.81 -13.82
N GLY A 181 -12.70 -2.61 -14.07
CA GLY A 181 -12.82 -3.99 -14.53
C GLY A 181 -13.07 -4.94 -13.39
N PRO A 182 -12.97 -6.23 -13.64
CA PRO A 182 -13.28 -7.24 -12.64
C PRO A 182 -12.51 -7.10 -11.35
N ARG A 183 -11.23 -6.73 -11.47
CA ARG A 183 -10.34 -6.76 -10.31
C ARG A 183 -10.52 -5.61 -9.35
N GLY A 184 -11.45 -4.71 -9.63
CA GLY A 184 -11.76 -3.67 -8.69
C GLY A 184 -12.44 -4.15 -7.40
N LEU A 185 -12.93 -5.40 -7.38
CA LEU A 185 -13.62 -5.96 -6.24
C LEU A 185 -13.15 -7.37 -5.94
N PRO A 186 -11.98 -7.53 -5.31
CA PRO A 186 -11.54 -8.87 -4.96
C PRO A 186 -12.52 -9.57 -4.02
N ARG A 187 -12.73 -10.87 -4.20
CA ARG A 187 -13.61 -11.60 -3.31
C ARG A 187 -12.99 -11.68 -1.91
N THR A 188 -11.71 -12.03 -1.86
CA THR A 188 -10.94 -12.05 -0.62
C THR A 188 -9.52 -11.54 -0.97
N TRP A 189 -8.74 -11.19 0.03
CA TRP A 189 -7.34 -10.84 -0.22
C TRP A 189 -6.51 -12.05 -0.65
N ARG A 190 -6.98 -13.24 -0.30
CA ARG A 190 -6.33 -14.49 -0.71
C ARG A 190 -6.47 -14.75 -2.19
N GLU A 191 -7.45 -14.09 -2.82
CA GLU A 191 -7.82 -14.36 -4.22
C GLU A 191 -7.61 -13.15 -5.10
N MET A 192 -6.44 -12.54 -4.90
CA MET A 192 -5.95 -11.41 -5.68
C MET A 192 -4.45 -11.56 -5.81
N ASN A 193 -3.93 -10.97 -6.87
CA ASN A 193 -2.50 -10.95 -7.10
C ASN A 193 -1.90 -9.68 -6.47
N GLY A 194 -0.61 -9.70 -6.25
CA GLY A 194 0.13 -8.57 -5.75
C GLY A 194 1.23 -8.20 -6.72
N TYR A 195 1.57 -6.94 -6.79
CA TYR A 195 2.59 -6.45 -7.70
C TYR A 195 3.45 -5.41 -7.05
N GLY A 196 4.72 -5.31 -7.42
CA GLY A 196 5.52 -4.19 -6.99
C GLY A 196 5.14 -2.89 -7.71
N SER A 197 4.59 -3.03 -8.93
CA SER A 197 4.18 -1.96 -9.84
C SER A 197 5.40 -1.26 -10.45
N HIS A 198 6.21 -0.63 -9.64
CA HIS A 198 7.39 0.05 -10.13
C HIS A 198 8.47 -0.90 -10.62
N THR A 199 9.30 -0.34 -11.50
CA THR A 199 10.60 -0.89 -11.80
C THR A 199 11.53 -0.61 -10.63
N TYR A 200 12.24 -1.63 -10.17
CA TYR A 200 13.27 -1.53 -9.17
C TYR A 200 14.60 -1.92 -9.81
N LEU A 201 15.69 -1.62 -9.15
CA LEU A 201 17.01 -1.98 -9.59
C LEU A 201 17.50 -3.20 -8.80
N TRP A 202 18.04 -4.21 -9.50
CA TRP A 202 18.76 -5.33 -8.86
C TRP A 202 20.21 -5.23 -9.27
N VAL A 203 21.11 -5.46 -8.32
CA VAL A 203 22.55 -5.37 -8.53
C VAL A 203 23.15 -6.69 -8.03
N ASN A 204 23.96 -7.33 -8.89
CA ASN A 204 24.57 -8.62 -8.53
C ASN A 204 25.93 -8.41 -7.91
N ALA A 205 26.58 -9.52 -7.54
CA ALA A 205 27.83 -9.44 -6.82
C ALA A 205 28.96 -8.80 -7.61
N GLN A 206 28.87 -8.88 -8.93
CA GLN A 206 29.85 -8.24 -9.81
C GLN A 206 29.52 -6.78 -10.16
N GLY A 207 28.39 -6.26 -9.66
CA GLY A 207 28.01 -4.87 -9.92
C GLY A 207 27.14 -4.70 -11.16
N GLU A 208 26.78 -5.79 -11.81
CA GLU A 208 25.93 -5.72 -13.01
C GLU A 208 24.48 -5.44 -12.56
N LYS A 209 23.81 -4.62 -13.34
CA LYS A 209 22.49 -4.12 -13.00
C LYS A 209 21.39 -4.61 -13.92
N HIS A 210 20.24 -4.91 -13.34
CA HIS A 210 19.04 -5.21 -14.12
C HIS A 210 17.87 -4.42 -13.52
N TRP A 211 16.98 -3.96 -14.37
CA TRP A 211 15.72 -3.33 -13.94
C TRP A 211 14.75 -4.49 -13.77
N VAL A 212 13.99 -4.51 -12.67
CA VAL A 212 13.10 -5.60 -12.38
C VAL A 212 11.67 -5.16 -12.06
N LYS A 213 10.72 -6.01 -12.45
CA LYS A 213 9.32 -5.91 -12.00
C LYS A 213 9.01 -7.15 -11.18
N TYR A 214 8.25 -6.97 -10.08
CA TYR A 214 7.81 -8.04 -9.24
C TYR A 214 6.33 -8.38 -9.43
N HIS A 215 6.03 -9.68 -9.52
CA HIS A 215 4.67 -10.19 -9.69
C HIS A 215 4.42 -11.30 -8.70
N PHE A 216 3.40 -11.16 -7.84
CA PHE A 216 3.01 -12.18 -6.90
C PHE A 216 1.70 -12.79 -7.36
N ILE A 217 1.77 -14.02 -7.85
CA ILE A 217 0.62 -14.66 -8.45
C ILE A 217 0.01 -15.62 -7.45
N SER A 218 -1.23 -15.33 -7.11
CA SER A 218 -1.96 -16.10 -6.11
C SER A 218 -2.14 -17.57 -6.51
N GLN A 219 -1.82 -18.46 -5.59
CA GLN A 219 -2.12 -19.88 -5.82
C GLN A 219 -3.59 -20.21 -5.62
N GLN A 220 -4.35 -19.27 -5.07
CA GLN A 220 -5.79 -19.45 -4.87
C GLN A 220 -6.59 -18.91 -6.08
N GLY A 221 -5.91 -18.35 -7.07
CA GLY A 221 -6.56 -17.76 -8.21
C GLY A 221 -7.03 -16.34 -7.94
N VAL A 222 -7.50 -15.72 -9.00
CA VAL A 222 -8.08 -14.38 -8.95
C VAL A 222 -9.60 -14.54 -9.02
N HIS A 223 -10.29 -14.10 -7.96
CA HIS A 223 -11.75 -14.21 -7.90
C HIS A 223 -12.30 -12.91 -7.41
N ASN A 224 -13.39 -12.47 -8.02
CA ASN A 224 -13.94 -11.13 -7.79
C ASN A 224 -15.41 -11.18 -7.51
N LEU A 225 -15.92 -10.11 -6.96
CA LEU A 225 -17.33 -9.91 -6.66
C LEU A 225 -17.95 -8.97 -7.69
N SER A 226 -19.26 -9.09 -7.89
CA SER A 226 -19.99 -8.09 -8.66
C SER A 226 -20.25 -6.84 -7.82
N ASN A 227 -20.59 -5.73 -8.44
CA ASN A 227 -20.95 -4.52 -7.68
C ASN A 227 -22.07 -4.83 -6.70
N ASP A 228 -23.11 -5.53 -7.14
CA ASP A 228 -24.26 -5.83 -6.28
C ASP A 228 -23.86 -6.70 -5.07
N GLU A 229 -23.03 -7.71 -5.30
CA GLU A 229 -22.61 -8.58 -4.20
C GLU A 229 -21.80 -7.78 -3.19
N ALA A 230 -20.86 -6.97 -3.69
CA ALA A 230 -20.02 -6.21 -2.79
C ALA A 230 -20.78 -5.19 -1.98
N THR A 231 -21.82 -4.58 -2.57
CA THR A 231 -22.67 -3.65 -1.84
C THR A 231 -23.40 -4.39 -0.70
N LYS A 232 -23.91 -5.57 -1.00
CA LYS A 232 -24.64 -6.37 -0.01
C LYS A 232 -23.73 -6.71 1.18
N ILE A 233 -22.51 -7.15 0.85
CA ILE A 233 -21.55 -7.50 1.90
C ILE A 233 -21.14 -6.27 2.72
N ALA A 234 -21.01 -5.10 2.09
CA ALA A 234 -20.64 -3.92 2.84
C ALA A 234 -21.61 -3.65 3.98
N GLY A 235 -22.89 -3.91 3.76
CA GLY A 235 -23.88 -3.74 4.80
C GLY A 235 -23.87 -4.87 5.81
N GLU A 236 -23.74 -6.10 5.38
CA GLU A 236 -23.79 -7.28 6.25
C GLU A 236 -22.55 -7.50 7.10
N ASN A 237 -21.38 -7.16 6.56
CA ASN A 237 -20.12 -7.42 7.22
C ASN A 237 -19.06 -6.47 6.65
N ALA A 238 -18.94 -5.34 7.32
CA ALA A 238 -18.00 -4.32 6.90
C ALA A 238 -16.56 -4.78 7.00
N ASP A 239 -16.29 -5.87 7.71
CA ASP A 239 -14.93 -6.40 7.92
C ASP A 239 -14.76 -7.77 7.27
N PHE A 240 -15.45 -7.99 6.16
CA PHE A 240 -15.44 -9.29 5.50
C PHE A 240 -14.06 -9.82 5.17
N HIS A 241 -13.22 -8.96 4.60
CA HIS A 241 -11.88 -9.39 4.19
C HIS A 241 -10.98 -9.64 5.40
N ARG A 242 -11.06 -8.76 6.39
CA ARG A 242 -10.31 -8.95 7.63
C ARG A 242 -10.67 -10.25 8.32
N GLN A 243 -11.97 -10.52 8.39
CA GLN A 243 -12.47 -11.74 9.00
C GLN A 243 -12.02 -12.96 8.20
N ASP A 244 -12.18 -12.91 6.88
CA ASP A 244 -11.74 -14.02 6.05
C ASP A 244 -10.29 -14.41 6.23
N LEU A 245 -9.39 -13.43 6.30
CA LEU A 245 -7.98 -13.75 6.42
C LEU A 245 -7.70 -14.40 7.76
N PHE A 246 -8.24 -13.83 8.84
CA PHE A 246 -8.00 -14.37 10.18
C PHE A 246 -8.56 -15.76 10.34
N GLU A 247 -9.78 -15.96 9.88
CA GLU A 247 -10.43 -17.28 10.01
C GLU A 247 -9.69 -18.33 9.17
N SER A 248 -9.30 -17.98 7.96
CA SER A 248 -8.60 -18.91 7.07
C SER A 248 -7.31 -19.42 7.71
N ILE A 249 -6.51 -18.50 8.26
CA ILE A 249 -5.27 -18.90 8.87
C ILE A 249 -5.53 -19.71 10.14
N ALA A 250 -6.52 -19.31 10.92
CA ALA A 250 -6.85 -20.02 12.16
C ALA A 250 -7.28 -21.46 11.87
N LYS A 251 -7.93 -21.70 10.73
CA LYS A 251 -8.38 -23.05 10.35
C LYS A 251 -7.29 -23.86 9.69
N GLY A 252 -6.12 -23.26 9.48
CA GLY A 252 -4.99 -23.95 8.83
C GLY A 252 -4.91 -23.85 7.32
N ASP A 253 -5.66 -22.96 6.70
CA ASP A 253 -5.73 -22.76 5.24
C ASP A 253 -4.81 -21.63 4.85
N HIS A 254 -3.52 -21.93 4.71
CA HIS A 254 -2.50 -20.93 4.50
C HIS A 254 -2.36 -20.51 3.05
N PRO A 255 -2.70 -19.26 2.79
CA PRO A 255 -2.68 -18.79 1.41
C PRO A 255 -1.24 -18.57 0.92
N LYS A 256 -1.03 -18.82 -0.36
CA LYS A 256 0.27 -18.72 -0.99
C LYS A 256 0.26 -17.90 -2.26
N TRP A 257 1.40 -17.30 -2.56
CA TRP A 257 1.63 -16.56 -3.80
C TRP A 257 2.99 -16.97 -4.33
N ASP A 258 3.12 -17.15 -5.64
CA ASP A 258 4.43 -17.37 -6.22
C ASP A 258 5.00 -16.05 -6.74
N LEU A 259 6.25 -15.78 -6.44
CA LEU A 259 6.90 -14.57 -6.94
C LEU A 259 7.65 -14.86 -8.22
N TYR A 260 7.35 -14.02 -9.21
CA TYR A 260 8.05 -13.98 -10.48
C TYR A 260 8.60 -12.58 -10.71
N ILE A 261 9.75 -12.46 -11.37
CA ILE A 261 10.25 -11.17 -11.79
C ILE A 261 10.31 -11.11 -13.32
N GLN A 262 10.30 -9.89 -13.83
CA GLN A 262 10.79 -9.61 -15.18
C GLN A 262 12.13 -8.92 -15.01
N ALA A 263 13.13 -9.24 -15.83
CA ALA A 263 14.48 -8.68 -15.71
C ALA A 263 14.91 -8.08 -17.02
N ILE A 264 15.08 -6.77 -17.00
CA ILE A 264 15.47 -5.97 -18.16
C ILE A 264 16.93 -5.57 -18.02
N PRO A 265 17.80 -5.90 -18.97
CA PRO A 265 19.18 -5.43 -18.88
C PRO A 265 19.27 -3.92 -18.76
N TYR A 266 20.24 -3.46 -18.00
CA TYR A 266 20.38 -2.05 -17.68
C TYR A 266 20.25 -1.12 -18.88
N GLU A 267 21.00 -1.36 -19.96
CA GLU A 267 20.94 -0.45 -21.07
C GLU A 267 19.62 -0.48 -21.83
N GLU A 268 18.95 -1.60 -21.82
CA GLU A 268 17.68 -1.73 -22.54
C GLU A 268 16.59 -0.94 -21.85
N GLY A 269 16.78 -0.59 -20.59
CA GLY A 269 15.77 0.19 -19.89
C GLY A 269 15.65 1.58 -20.47
N LYS A 270 16.75 2.09 -21.01
CA LYS A 270 16.78 3.42 -21.59
C LYS A 270 16.19 3.49 -23.00
N THR A 271 16.10 2.36 -23.68
CA THR A 271 15.66 2.34 -25.09
C THR A 271 14.35 1.62 -25.36
N TYR A 272 13.83 0.88 -24.37
CA TYR A 272 12.60 0.10 -24.57
C TYR A 272 11.47 0.99 -25.04
N ARG A 273 10.60 0.41 -25.86
CA ARG A 273 9.49 1.09 -26.51
C ARG A 273 8.38 1.58 -25.61
N PHE A 274 8.27 1.04 -24.40
CA PHE A 274 7.43 1.63 -23.36
C PHE A 274 8.37 2.05 -22.27
N ASN A 275 8.08 3.16 -21.61
CA ASN A 275 8.97 3.67 -20.55
C ASN A 275 8.86 2.84 -19.27
N PRO A 276 9.88 2.07 -18.90
CA PRO A 276 9.80 1.27 -17.68
C PRO A 276 9.81 2.14 -16.43
N PHE A 277 10.12 3.40 -16.57
CA PHE A 277 10.13 4.31 -15.41
C PHE A 277 8.84 5.09 -15.30
N ASP A 278 7.87 4.76 -16.15
CA ASP A 278 6.53 5.36 -16.13
C ASP A 278 5.58 4.36 -15.48
N LEU A 279 5.10 4.69 -14.28
CA LEU A 279 4.27 3.81 -13.50
C LEU A 279 2.91 3.49 -14.11
N THR A 280 2.53 4.19 -15.17
CA THR A 280 1.29 3.93 -15.88
C THR A 280 1.44 2.87 -16.99
N LYS A 281 2.62 2.28 -17.14
CA LYS A 281 2.92 1.29 -18.16
C LYS A 281 3.26 -0.07 -17.61
N THR A 282 2.76 -1.11 -18.28
CA THR A 282 3.23 -2.45 -18.08
C THR A 282 4.30 -2.74 -19.14
N ILE A 283 5.11 -3.76 -18.84
CA ILE A 283 6.18 -4.23 -19.72
C ILE A 283 5.74 -5.57 -20.26
N SER A 284 5.74 -5.71 -21.59
CA SER A 284 5.26 -6.94 -22.19
C SER A 284 6.00 -8.20 -21.78
N GLN A 285 5.26 -9.23 -21.46
CA GLN A 285 5.85 -10.50 -21.13
C GLN A 285 6.35 -11.26 -22.35
N LYS A 286 5.96 -10.83 -23.54
CA LYS A 286 6.55 -11.42 -24.74
C LYS A 286 8.00 -10.92 -24.87
N ASP A 287 8.24 -9.66 -24.52
CA ASP A 287 9.59 -9.08 -24.60
C ASP A 287 10.47 -9.50 -23.43
N TYR A 288 9.89 -9.53 -22.22
CA TYR A 288 10.62 -9.87 -20.99
C TYR A 288 9.78 -10.85 -20.17
N PRO A 289 10.00 -12.14 -20.31
CA PRO A 289 9.13 -13.10 -19.68
C PRO A 289 9.32 -13.17 -18.17
N ARG A 290 8.32 -13.69 -17.49
CA ARG A 290 8.40 -13.90 -16.05
C ARG A 290 9.33 -15.05 -15.70
N ILE A 291 10.14 -14.80 -14.68
CA ILE A 291 11.14 -15.73 -14.16
C ILE A 291 10.77 -16.05 -12.72
N LYS A 292 10.57 -17.30 -12.37
CA LYS A 292 10.19 -17.67 -10.99
C LYS A 292 11.30 -17.48 -9.99
N VAL A 293 10.94 -17.02 -8.79
CA VAL A 293 11.88 -16.86 -7.70
C VAL A 293 11.59 -17.78 -6.52
N GLY A 294 10.33 -17.82 -6.06
CA GLY A 294 10.00 -18.57 -4.87
C GLY A 294 8.56 -18.38 -4.49
N THR A 295 8.24 -18.79 -3.27
CA THR A 295 6.87 -18.82 -2.81
C THR A 295 6.71 -18.18 -1.43
N LEU A 296 5.66 -17.38 -1.33
CA LEU A 296 5.24 -16.72 -0.10
C LEU A 296 4.07 -17.48 0.51
N THR A 297 4.15 -17.79 1.80
CA THR A 297 3.07 -18.44 2.53
C THR A 297 2.71 -17.58 3.73
N LEU A 298 1.42 -17.33 3.95
CA LEU A 298 1.00 -16.67 5.19
C LEU A 298 0.47 -17.74 6.14
N ASN A 299 0.98 -17.79 7.35
CA ASN A 299 0.66 -18.87 8.26
C ASN A 299 0.47 -18.54 9.73
N ARG A 300 0.44 -17.26 10.10
CA ARG A 300 0.35 -16.88 11.49
C ARG A 300 -0.40 -15.57 11.66
N ASN A 301 -1.47 -15.59 12.44
CA ASN A 301 -2.21 -14.39 12.73
C ASN A 301 -1.50 -13.55 13.78
N PRO A 302 -1.80 -12.27 13.80
CA PRO A 302 -1.27 -11.44 14.86
C PRO A 302 -1.86 -11.83 16.20
N LYS A 303 -1.06 -11.57 17.24
CA LYS A 303 -1.51 -11.69 18.63
C LYS A 303 -2.19 -10.38 19.08
N ASN A 304 -1.80 -9.24 18.49
CA ASN A 304 -2.36 -7.96 18.84
C ASN A 304 -2.40 -7.12 17.56
N HIS A 305 -3.61 -6.87 17.07
CA HIS A 305 -3.81 -6.17 15.82
C HIS A 305 -3.22 -4.76 15.85
N PHE A 306 -3.44 -4.05 16.94
CA PHE A 306 -2.95 -2.69 17.00
C PHE A 306 -1.42 -2.62 17.03
N ALA A 307 -0.79 -3.45 17.85
CA ALA A 307 0.64 -3.39 18.02
C ALA A 307 1.42 -3.93 16.87
N GLN A 308 0.87 -4.92 16.20
CA GLN A 308 1.59 -5.60 15.13
C GLN A 308 1.20 -5.20 13.73
N ILE A 309 -0.04 -4.72 13.55
CA ILE A 309 -0.55 -4.39 12.24
C ILE A 309 -0.76 -2.88 12.14
N GLU A 310 -1.56 -2.30 13.03
CA GLU A 310 -1.80 -0.85 12.95
C GLU A 310 -0.53 -0.04 13.10
N SER A 311 0.37 -0.45 13.99
CA SER A 311 1.61 0.22 14.26
C SER A 311 2.76 -0.20 13.37
N ALA A 312 2.56 -1.14 12.44
CA ALA A 312 3.57 -1.48 11.46
C ALA A 312 3.81 -0.25 10.58
N ALA A 313 5.03 -0.06 10.16
CA ALA A 313 5.42 1.10 9.37
C ALA A 313 6.29 0.65 8.21
N PHE A 314 5.67 0.49 7.04
CA PHE A 314 6.35 -0.01 5.86
C PHE A 314 6.88 1.15 5.04
N SER A 315 8.02 0.98 4.38
CA SER A 315 8.52 2.06 3.54
C SER A 315 9.34 1.55 2.38
N PRO A 316 9.11 2.05 1.16
CA PRO A 316 9.97 1.68 0.04
C PRO A 316 11.43 2.10 0.21
N SER A 317 11.72 3.02 1.13
CA SER A 317 13.11 3.36 1.45
C SER A 317 13.84 2.23 2.14
N ASN A 318 13.10 1.22 2.62
CA ASN A 318 13.73 0.08 3.29
C ASN A 318 14.20 -0.95 2.27
N THR A 319 15.25 -0.55 1.55
CA THR A 319 15.96 -1.42 0.63
C THR A 319 17.06 -2.14 1.40
N VAL A 320 17.62 -3.17 0.76
CA VAL A 320 18.78 -3.89 1.31
C VAL A 320 19.82 -4.00 0.20
N PRO A 321 21.07 -4.26 0.51
CA PRO A 321 22.08 -4.40 -0.55
C PRO A 321 21.68 -5.40 -1.62
N GLY A 322 21.83 -5.01 -2.87
CA GLY A 322 21.37 -5.81 -3.98
C GLY A 322 20.07 -5.34 -4.61
N ILE A 323 19.36 -4.44 -3.92
CA ILE A 323 18.09 -3.93 -4.39
C ILE A 323 18.05 -2.43 -4.20
N GLY A 324 17.72 -1.72 -5.27
CA GLY A 324 17.65 -0.28 -5.21
C GLY A 324 16.41 0.27 -5.86
N LEU A 325 16.31 1.60 -5.84
CA LEU A 325 15.20 2.27 -6.45
C LEU A 325 15.47 2.43 -7.94
N SER A 326 14.77 3.28 -8.62
CA SER A 326 14.94 3.49 -10.05
C SER A 326 14.53 4.90 -10.39
N PRO A 327 14.77 5.36 -11.61
CA PRO A 327 14.33 6.68 -12.04
C PRO A 327 12.84 6.94 -12.09
N ASP A 328 12.00 6.06 -11.64
CA ASP A 328 10.57 6.31 -11.61
C ASP A 328 10.26 7.42 -10.60
N ARG A 329 9.78 8.58 -11.06
CA ARG A 329 9.54 9.71 -10.18
C ARG A 329 8.63 9.35 -9.03
N MET A 330 7.62 8.55 -9.29
CA MET A 330 6.72 8.16 -8.21
C MET A 330 7.43 7.42 -7.10
N LEU A 331 8.31 6.48 -7.46
CA LEU A 331 9.07 5.71 -6.48
C LEU A 331 9.98 6.63 -5.66
N LEU A 332 10.63 7.58 -6.34
CA LEU A 332 11.54 8.49 -5.66
C LEU A 332 10.78 9.35 -4.65
N GLY A 333 9.55 9.76 -4.94
CA GLY A 333 8.76 10.52 -3.99
C GLY A 333 8.37 9.64 -2.80
N ARG A 334 8.09 8.38 -3.03
CA ARG A 334 7.74 7.44 -1.96
C ARG A 334 8.92 7.21 -1.03
N ALA A 335 10.16 7.36 -1.51
CA ALA A 335 11.32 7.14 -0.66
C ALA A 335 11.36 8.13 0.51
N PHE A 336 10.80 9.31 0.29
CA PHE A 336 10.68 10.33 1.32
C PHE A 336 9.41 10.22 2.15
N ALA A 337 8.28 9.96 1.51
CA ALA A 337 6.98 10.21 2.09
C ALA A 337 6.57 9.30 3.22
N TYR A 338 6.93 8.04 3.20
CA TYR A 338 6.41 7.07 4.17
C TYR A 338 7.00 7.32 5.54
N HIS A 339 8.33 7.40 5.60
CA HIS A 339 9.03 7.64 6.85
C HIS A 339 8.53 8.95 7.46
N ASP A 340 8.36 9.98 6.65
CA ASP A 340 7.83 11.25 7.13
C ASP A 340 6.46 11.09 7.78
N ALA A 341 5.56 10.40 7.11
CA ALA A 341 4.23 10.18 7.67
C ALA A 341 4.29 9.43 8.98
N GLN A 342 5.17 8.46 9.07
CA GLN A 342 5.24 7.59 10.26
C GLN A 342 5.79 8.31 11.47
N LEU A 343 6.64 9.31 11.26
CA LEU A 343 7.10 10.11 12.39
C LEU A 343 5.94 10.85 13.06
N TYR A 344 4.95 11.27 12.29
CA TYR A 344 3.75 11.89 12.82
C TYR A 344 2.75 10.88 13.35
N ARG A 345 2.48 9.85 12.57
CA ARG A 345 1.44 8.89 12.88
C ARG A 345 1.78 8.09 14.13
N VAL A 346 3.02 7.59 14.21
CA VAL A 346 3.45 6.71 15.31
C VAL A 346 4.40 7.43 16.25
N GLY A 347 5.50 7.97 15.72
CA GLY A 347 6.46 8.67 16.54
C GLY A 347 7.86 8.61 15.99
N ALA A 348 8.76 9.43 16.52
CA ALA A 348 10.14 9.48 16.07
C ALA A 348 10.79 8.12 16.08
N HIS A 349 10.51 7.33 17.10
CA HIS A 349 11.13 6.01 17.29
C HIS A 349 10.28 4.84 16.81
N VAL A 350 9.48 5.13 15.78
CA VAL A 350 8.66 4.10 15.16
C VAL A 350 9.43 2.80 14.83
N ASN A 351 10.67 2.92 14.41
CA ASN A 351 11.47 1.77 14.04
C ASN A 351 12.13 1.01 15.19
N GLN A 352 11.85 1.41 16.43
CA GLN A 352 12.23 0.65 17.60
C GLN A 352 11.08 -0.23 18.12
N LEU A 353 9.87 -0.05 17.61
CA LEU A 353 8.77 -0.93 18.04
C LEU A 353 9.09 -2.34 17.52
N PRO A 354 8.75 -3.38 18.28
CA PRO A 354 9.14 -4.73 17.91
C PRO A 354 8.84 -5.14 16.46
N VAL A 355 7.65 -4.81 15.95
CA VAL A 355 7.29 -5.22 14.61
C VAL A 355 8.13 -4.55 13.52
N ASN A 356 8.69 -3.39 13.86
CA ASN A 356 9.52 -2.62 12.92
C ASN A 356 11.02 -2.78 13.10
N ARG A 357 11.45 -3.46 14.15
CA ARG A 357 12.86 -3.66 14.39
C ARG A 357 13.40 -4.69 13.44
N PRO A 358 14.61 -4.51 12.94
CA PRO A 358 15.23 -5.57 12.17
C PRO A 358 15.77 -6.68 13.04
N LYS A 359 16.07 -7.80 12.41
CA LYS A 359 16.66 -8.94 13.11
C LYS A 359 18.14 -8.77 13.37
N ASN A 360 18.81 -8.00 12.53
CA ASN A 360 20.25 -7.81 12.65
C ASN A 360 20.51 -6.58 13.54
N ALA A 361 21.76 -6.38 13.92
CA ALA A 361 22.15 -5.31 14.80
C ALA A 361 22.08 -3.95 14.12
N VAL A 362 21.41 -3.03 14.77
CA VAL A 362 21.33 -1.65 14.25
C VAL A 362 22.47 -0.83 14.90
N HIS A 363 23.22 -0.10 14.08
CA HIS A 363 24.28 0.79 14.56
C HIS A 363 24.10 2.06 13.73
N ASN A 364 23.24 2.94 14.25
CA ASN A 364 22.75 4.08 13.49
C ASN A 364 23.00 5.36 14.26
N TYR A 365 23.36 6.42 13.55
CA TYR A 365 23.64 7.71 14.18
C TYR A 365 22.38 8.56 14.38
N ALA A 366 21.60 8.12 15.35
CA ALA A 366 20.38 8.80 15.78
C ALA A 366 20.26 8.58 17.28
N PHE A 367 19.99 9.66 18.00
CA PHE A 367 19.99 9.63 19.47
C PHE A 367 18.84 10.47 20.00
N GLU A 368 18.43 10.18 21.24
CA GLU A 368 17.47 11.02 21.97
C GLU A 368 16.10 11.00 21.26
N GLY A 369 15.26 12.01 21.54
CA GLY A 369 13.90 12.04 21.11
C GLY A 369 12.95 11.41 22.10
N GLN A 370 11.67 11.70 21.90
CA GLN A 370 10.63 11.12 22.74
C GLN A 370 10.56 9.62 22.59
N MET A 371 10.26 8.97 23.71
CA MET A 371 10.02 7.51 23.74
C MET A 371 11.17 6.68 23.18
N TRP A 372 12.37 7.00 23.63
CA TRP A 372 13.59 6.30 23.21
C TRP A 372 13.78 5.10 24.14
N TYR A 373 13.40 3.94 23.63
CA TYR A 373 13.36 2.73 24.44
C TYR A 373 14.72 2.07 24.56
N ASP A 374 15.43 1.95 23.45
CA ASP A 374 16.72 1.24 23.36
C ASP A 374 17.78 2.29 23.14
N HIS A 375 18.36 2.77 24.23
CA HIS A 375 19.37 3.81 24.16
C HIS A 375 20.75 3.25 23.81
N THR A 376 21.65 4.16 23.44
CA THR A 376 22.96 3.85 22.94
C THR A 376 24.06 3.98 23.98
N GLY A 377 23.70 4.15 25.25
CA GLY A 377 24.71 4.28 26.27
C GLY A 377 25.66 5.42 25.99
N ASP A 378 26.97 5.18 26.19
CA ASP A 378 27.98 6.18 25.99
C ASP A 378 28.65 6.19 24.61
N ARG A 379 27.99 5.60 23.63
CA ARG A 379 28.50 5.58 22.28
C ARG A 379 28.70 7.02 21.76
N SER A 380 29.73 7.22 20.96
CA SER A 380 30.05 8.51 20.39
C SER A 380 28.91 9.01 19.53
N THR A 381 28.65 10.31 19.58
CA THR A 381 27.56 10.89 18.81
C THR A 381 27.99 11.59 17.53
N TYR A 382 29.24 11.41 17.15
CA TYR A 382 29.82 12.14 16.03
C TYR A 382 30.88 11.27 15.35
N VAL A 383 31.19 11.61 14.11
CA VAL A 383 32.15 10.86 13.28
C VAL A 383 32.97 11.80 12.42
N PRO A 384 34.20 11.43 12.08
CA PRO A 384 34.92 10.34 12.72
C PRO A 384 35.15 10.66 14.18
N ASN A 385 35.37 9.62 14.98
CA ASN A 385 35.74 9.79 16.38
C ASN A 385 36.96 8.93 16.66
N SER A 386 37.61 9.24 17.78
CA SER A 386 38.81 8.52 18.23
C SER A 386 38.48 7.54 19.35
N ASN A 387 37.23 7.12 19.45
CA ASN A 387 36.78 6.26 20.56
C ASN A 387 36.39 4.83 20.16
N GLY A 388 36.60 4.46 18.90
CA GLY A 388 36.33 3.12 18.43
C GLY A 388 34.88 2.83 18.11
N ASP A 389 34.08 3.87 17.90
CA ASP A 389 32.68 3.66 17.54
C ASP A 389 32.57 3.83 16.03
N SER A 390 32.29 2.76 15.32
CA SER A 390 32.39 2.75 13.88
C SER A 390 31.38 3.62 13.14
N TRP A 391 31.74 3.94 11.91
CA TRP A 391 30.90 4.70 10.99
C TRP A 391 31.16 4.25 9.57
N SER A 392 30.32 4.71 8.66
CA SER A 392 30.46 4.39 7.22
C SER A 392 31.06 5.57 6.48
N ASP A 393 31.90 5.30 5.49
CA ASP A 393 32.52 6.35 4.68
C ASP A 393 32.96 5.81 3.33
N GLU A 394 32.06 5.12 2.63
CA GLU A 394 32.34 4.71 1.25
C GLU A 394 32.23 5.89 0.33
N THR A 395 33.24 6.08 -0.52
CA THR A 395 33.23 7.18 -1.46
C THR A 395 33.13 6.71 -2.90
N GLY A 396 32.54 7.56 -3.71
CA GLY A 396 32.42 7.31 -5.12
C GLY A 396 31.02 6.85 -5.51
N PRO A 397 30.86 6.49 -6.78
CA PRO A 397 29.55 6.03 -7.26
C PRO A 397 29.00 4.89 -6.45
N VAL A 398 27.70 4.98 -6.18
CA VAL A 398 27.03 3.97 -5.37
C VAL A 398 26.66 2.79 -6.25
N ASP A 399 26.52 1.61 -5.64
CA ASP A 399 26.26 0.42 -6.45
C ASP A 399 24.85 0.39 -7.04
N ASP A 400 23.92 1.14 -6.44
CA ASP A 400 22.54 1.14 -6.86
C ASP A 400 22.14 2.48 -7.49
N GLY A 401 23.06 3.07 -8.22
CA GLY A 401 22.84 4.32 -8.91
C GLY A 401 22.73 4.19 -10.42
N TRP A 402 22.64 5.36 -11.02
CA TRP A 402 22.46 5.52 -12.46
C TRP A 402 22.87 6.94 -12.80
N GLU A 403 22.81 7.25 -14.09
CA GLU A 403 23.26 8.52 -14.63
C GLU A 403 22.10 9.45 -14.90
N ALA A 404 22.39 10.74 -14.83
CA ALA A 404 21.45 11.78 -15.20
C ALA A 404 22.16 12.98 -15.78
N ASP A 405 21.47 13.74 -16.61
CA ASP A 405 22.02 14.95 -17.19
C ASP A 405 20.87 15.83 -17.64
N GLY A 406 20.96 17.10 -17.33
CA GLY A 406 19.96 18.03 -17.77
C GLY A 406 19.92 19.28 -16.95
N THR A 407 18.98 20.14 -17.27
CA THR A 407 18.76 21.35 -16.51
C THR A 407 17.55 21.11 -15.60
N LEU A 408 17.52 21.82 -14.48
CA LEU A 408 16.40 21.69 -13.53
C LEU A 408 15.11 22.14 -14.22
N THR A 409 14.11 21.28 -14.19
CA THR A 409 12.91 21.50 -14.97
C THR A 409 11.73 20.87 -14.28
N ARG A 410 10.55 21.33 -14.66
CA ARG A 410 9.28 20.72 -14.28
C ARG A 410 8.52 20.43 -15.58
N GLU A 411 8.56 19.19 -16.00
CA GLU A 411 7.92 18.82 -17.28
C GLU A 411 7.62 17.34 -17.35
N ALA A 412 6.79 16.92 -18.29
CA ALA A 412 6.50 15.51 -18.43
C ALA A 412 7.69 14.72 -18.94
N GLN A 413 7.73 13.45 -18.57
CA GLN A 413 8.73 12.51 -19.09
C GLN A 413 8.64 12.44 -20.61
N ALA A 414 9.79 12.29 -21.26
CA ALA A 414 9.80 12.15 -22.71
C ALA A 414 9.17 10.83 -23.09
N LEU A 415 8.49 10.82 -24.25
CA LEU A 415 7.83 9.64 -24.72
C LEU A 415 8.74 8.68 -25.48
N ARG A 416 8.67 7.41 -25.12
CA ARG A 416 9.28 6.33 -25.90
C ARG A 416 8.41 6.12 -27.14
N ALA A 417 8.88 5.24 -28.00
CA ALA A 417 8.22 5.01 -29.29
C ALA A 417 6.74 4.69 -29.18
N ASP A 418 6.36 3.86 -28.22
CA ASP A 418 4.99 3.40 -28.12
C ASP A 418 4.23 3.97 -26.92
N ASP A 419 4.82 4.94 -26.24
CA ASP A 419 4.16 5.53 -25.09
C ASP A 419 3.01 6.43 -25.51
N ASP A 420 1.90 6.34 -24.80
CA ASP A 420 0.78 7.27 -24.87
C ASP A 420 -0.07 7.00 -23.61
N ASP A 421 -1.17 7.74 -23.46
CA ASP A 421 -2.00 7.57 -22.26
C ASP A 421 -3.08 6.52 -22.37
N PHE A 422 -3.43 6.11 -23.60
CA PHE A 422 -4.62 5.29 -23.79
C PHE A 422 -4.42 3.90 -24.40
N GLY A 423 -3.26 3.65 -24.99
CA GLY A 423 -3.05 2.41 -25.73
C GLY A 423 -3.11 1.15 -24.93
N GLN A 424 -2.40 1.13 -23.79
CA GLN A 424 -2.42 -0.05 -22.95
C GLN A 424 -3.80 -0.33 -22.35
N ALA A 425 -4.50 0.74 -21.97
CA ALA A 425 -5.88 0.59 -21.51
C ALA A 425 -6.74 -0.06 -22.61
N GLY A 426 -6.55 0.38 -23.85
CA GLY A 426 -7.29 -0.16 -24.99
C GLY A 426 -6.99 -1.63 -25.19
N THR A 427 -5.74 -2.04 -25.03
CA THR A 427 -5.40 -3.45 -25.14
C THR A 427 -6.12 -4.26 -24.08
N LEU A 428 -6.17 -3.72 -22.87
CA LEU A 428 -6.85 -4.41 -21.78
C LEU A 428 -8.33 -4.65 -22.12
N VAL A 429 -9.02 -3.61 -22.57
CA VAL A 429 -10.46 -3.67 -22.90
C VAL A 429 -10.73 -4.58 -24.10
N ARG A 430 -9.91 -4.47 -25.14
CA ARG A 430 -10.18 -5.20 -26.39
C ARG A 430 -9.68 -6.61 -26.41
N GLU A 431 -8.51 -6.84 -25.86
CA GLU A 431 -7.81 -8.11 -26.04
C GLU A 431 -7.76 -9.00 -24.81
N VAL A 432 -7.79 -8.41 -23.62
CA VAL A 432 -7.65 -9.18 -22.38
C VAL A 432 -9.01 -9.54 -21.81
N PHE A 433 -9.89 -8.56 -21.68
CA PHE A 433 -11.22 -8.83 -21.18
C PHE A 433 -11.98 -9.79 -22.10
N SER A 434 -12.84 -10.61 -21.51
CA SER A 434 -13.79 -11.41 -22.28
C SER A 434 -15.01 -10.56 -22.64
N ASP A 435 -15.93 -11.12 -23.43
CA ASP A 435 -17.15 -10.41 -23.75
C ASP A 435 -17.95 -10.11 -22.47
N GLN A 436 -18.07 -11.09 -21.57
CA GLN A 436 -18.83 -10.86 -20.34
C GLN A 436 -18.18 -9.78 -19.48
N GLU A 437 -16.85 -9.76 -19.43
CA GLU A 437 -16.15 -8.73 -18.67
C GLU A 437 -16.38 -7.38 -19.29
N ARG A 438 -16.40 -7.31 -20.61
CA ARG A 438 -16.70 -6.04 -21.26
C ARG A 438 -18.12 -5.56 -20.97
N ASP A 439 -19.08 -6.47 -20.96
CA ASP A 439 -20.45 -6.12 -20.66
C ASP A 439 -20.55 -5.55 -19.22
N ASP A 440 -19.90 -6.23 -18.30
CA ASP A 440 -19.91 -5.81 -16.90
C ASP A 440 -19.19 -4.46 -16.74
N PHE A 441 -18.12 -4.29 -17.47
CA PHE A 441 -17.35 -3.04 -17.46
C PHE A 441 -18.22 -1.85 -17.87
N VAL A 442 -18.99 -2.01 -18.94
CA VAL A 442 -19.86 -0.93 -19.36
C VAL A 442 -20.86 -0.56 -18.26
N GLU A 443 -21.44 -1.57 -17.62
CA GLU A 443 -22.42 -1.31 -16.56
C GLU A 443 -21.76 -0.64 -15.35
N THR A 444 -20.52 -1.00 -15.05
CA THR A 444 -19.78 -0.40 -13.95
C THR A 444 -19.44 1.06 -14.24
N VAL A 445 -18.88 1.34 -15.42
CA VAL A 445 -18.49 2.70 -15.75
C VAL A 445 -19.70 3.58 -15.88
N ALA A 446 -20.72 3.10 -16.57
CA ALA A 446 -21.95 3.89 -16.67
C ALA A 446 -22.52 4.19 -15.29
N GLY A 447 -22.54 3.19 -14.41
CA GLY A 447 -23.01 3.40 -13.05
C GLY A 447 -22.19 4.42 -12.30
N ALA A 448 -20.87 4.36 -12.49
CA ALA A 448 -19.98 5.29 -11.83
C ALA A 448 -20.16 6.72 -12.30
N LEU A 449 -20.74 6.90 -13.48
CA LEU A 449 -20.98 8.23 -14.06
C LEU A 449 -22.42 8.73 -13.78
N LYS A 450 -23.26 7.93 -13.15
CA LYS A 450 -24.64 8.34 -12.93
C LYS A 450 -24.66 9.49 -11.96
N GLY A 451 -25.35 10.55 -12.34
CA GLY A 451 -25.46 11.71 -11.46
C GLY A 451 -24.31 12.68 -11.51
N VAL A 452 -23.26 12.35 -12.26
CA VAL A 452 -22.12 13.23 -12.41
C VAL A 452 -22.50 14.47 -13.20
N ARG A 453 -21.95 15.63 -12.81
CA ARG A 453 -22.27 16.91 -13.45
C ARG A 453 -22.02 16.76 -14.96
N GLN A 454 -22.94 17.28 -15.77
CA GLN A 454 -22.94 17.00 -17.20
C GLN A 454 -21.68 17.38 -17.96
N ASP A 455 -21.05 18.49 -17.58
CA ASP A 455 -19.80 18.90 -18.23
C ASP A 455 -18.70 17.84 -18.01
N VAL A 456 -18.62 17.31 -16.81
CA VAL A 456 -17.66 16.27 -16.48
C VAL A 456 -18.03 14.95 -17.16
N GLN A 457 -19.32 14.64 -17.25
CA GLN A 457 -19.73 13.45 -18.02
C GLN A 457 -19.27 13.54 -19.46
N ALA A 458 -19.45 14.72 -20.06
CA ALA A 458 -19.07 14.87 -21.46
C ALA A 458 -17.58 14.63 -21.65
N ARG A 459 -16.76 15.13 -20.74
CA ARG A 459 -15.32 14.88 -20.81
C ARG A 459 -15.03 13.38 -20.61
N ALA A 460 -15.79 12.70 -19.77
CA ALA A 460 -15.61 11.28 -19.58
C ALA A 460 -15.96 10.48 -20.83
N PHE A 461 -16.96 10.91 -21.58
CA PHE A 461 -17.27 10.20 -22.83
C PHE A 461 -16.09 10.26 -23.80
N GLU A 462 -15.44 11.41 -23.90
CA GLU A 462 -14.27 11.54 -24.79
C GLU A 462 -13.13 10.66 -24.28
N TYR A 463 -12.92 10.65 -22.95
CA TYR A 463 -11.88 9.84 -22.34
C TYR A 463 -12.07 8.38 -22.67
N TRP A 464 -13.28 7.87 -22.48
CA TRP A 464 -13.52 6.46 -22.77
C TRP A 464 -13.44 6.12 -24.27
N LYS A 465 -13.87 7.03 -25.14
CA LYS A 465 -13.73 6.77 -26.58
C LYS A 465 -12.25 6.74 -26.99
N ASN A 466 -11.40 7.48 -26.25
CA ASN A 466 -9.96 7.46 -26.52
C ASN A 466 -9.37 6.10 -26.12
N VAL A 467 -9.91 5.48 -25.09
CA VAL A 467 -9.53 4.11 -24.74
C VAL A 467 -9.97 3.13 -25.84
N ASP A 468 -11.25 3.17 -26.18
CA ASP A 468 -11.80 2.30 -27.20
C ASP A 468 -13.08 2.91 -27.75
N ALA A 469 -13.17 3.09 -29.05
CA ALA A 469 -14.32 3.76 -29.60
C ALA A 469 -15.63 3.00 -29.35
N THR A 470 -15.61 1.68 -29.43
CA THR A 470 -16.84 0.89 -29.25
C THR A 470 -17.26 0.89 -27.79
N ILE A 471 -16.33 0.66 -26.88
CA ILE A 471 -16.71 0.63 -25.48
C ILE A 471 -17.17 2.02 -25.05
N GLY A 472 -16.50 3.06 -25.53
CA GLY A 472 -16.86 4.41 -25.20
C GLY A 472 -18.26 4.77 -25.64
N GLN A 473 -18.65 4.38 -26.83
CA GLN A 473 -20.01 4.64 -27.27
C GLN A 473 -21.01 3.86 -26.46
N ARG A 474 -20.69 2.62 -26.09
CA ARG A 474 -21.61 1.85 -25.27
C ARG A 474 -21.83 2.53 -23.91
N ILE A 475 -20.76 3.03 -23.32
CA ILE A 475 -20.87 3.71 -22.03
C ILE A 475 -21.72 4.96 -22.18
N GLU A 476 -21.44 5.77 -23.21
CA GLU A 476 -22.20 7.00 -23.45
C GLU A 476 -23.68 6.69 -23.61
N ASP A 477 -24.01 5.68 -24.40
CA ASP A 477 -25.42 5.34 -24.63
C ASP A 477 -26.10 4.98 -23.31
N GLU A 478 -25.44 4.20 -22.46
CA GLU A 478 -26.04 3.81 -21.20
C GLU A 478 -26.16 5.00 -20.25
N VAL A 479 -25.18 5.88 -20.19
CA VAL A 479 -25.25 7.06 -19.34
C VAL A 479 -26.42 7.95 -19.78
N LYS A 480 -26.58 8.13 -21.09
CA LYS A 480 -27.68 8.97 -21.57
C LYS A 480 -29.06 8.39 -21.25
N ARG A 481 -29.17 7.09 -21.04
CA ARG A 481 -30.42 6.43 -20.63
C ARG A 481 -30.54 6.32 -19.10
N HIS A 482 -29.56 6.84 -18.37
CA HIS A 482 -29.52 6.79 -16.91
C HIS A 482 -29.53 5.35 -16.39
N GLU A 483 -28.76 4.49 -17.03
CA GLU A 483 -28.62 3.09 -16.58
C GLU A 483 -27.24 2.86 -16.02
N GLY A 484 -27.09 1.75 -15.33
CA GLY A 484 -25.79 1.35 -14.80
C GLY A 484 -25.85 0.88 -13.37
N ASP A 485 -24.80 0.20 -12.94
CA ASP A 485 -24.79 -0.36 -11.59
C ASP A 485 -24.55 0.68 -10.50
N GLY A 486 -25.03 0.36 -9.31
CA GLY A 486 -24.64 1.12 -8.12
C GLY A 486 -23.21 0.67 -7.82
N ILE A 487 -22.34 1.59 -7.45
CA ILE A 487 -20.95 1.26 -7.17
C ILE A 487 -20.69 1.30 -5.67
N PRO A 488 -20.23 0.21 -5.07
CA PRO A 488 -20.03 0.22 -3.62
C PRO A 488 -19.04 1.27 -3.19
N GLY A 489 -19.48 2.17 -2.31
CA GLY A 489 -18.62 3.18 -1.76
C GLY A 489 -18.74 4.59 -2.28
N VAL A 490 -19.47 4.81 -3.37
CA VAL A 490 -19.52 6.16 -3.94
C VAL A 490 -20.75 6.38 -4.81
N GLU A 491 -21.18 7.63 -4.88
CA GLU A 491 -22.27 8.02 -5.78
C GLU A 491 -22.06 9.49 -6.12
N ALA A 492 -22.96 10.04 -6.91
CA ALA A 492 -22.89 11.43 -7.32
C ALA A 492 -24.23 12.06 -7.26
N GLY A 493 -24.24 13.38 -7.33
CA GLY A 493 -25.49 14.08 -7.47
C GLY A 493 -26.14 14.48 -6.18
N GLY A 494 -27.17 15.33 -6.30
CA GLY A 494 -27.89 15.78 -5.12
C GLY A 494 -27.32 17.04 -4.54
N GLU A 495 -28.06 17.64 -3.61
CA GLU A 495 -27.72 18.94 -3.06
C GLU A 495 -26.48 19.00 -2.20
N ALA A 496 -25.94 17.84 -1.84
CA ALA A 496 -24.77 17.79 -0.98
C ALA A 496 -23.49 17.48 -1.74
N ARG A 497 -23.60 17.43 -3.06
CA ARG A 497 -22.45 17.12 -3.91
C ARG A 497 -22.34 18.13 -5.03
N ILE A 498 -21.25 18.01 -5.81
CA ILE A 498 -21.03 18.95 -6.93
C ILE A 498 -22.05 18.73 -8.03
CHA HEM B . 0.54 3.85 2.23
CHB HEM B . 2.35 7.75 0.05
CHC HEM B . 2.20 5.46 -4.23
CHD HEM B . 1.19 1.34 -1.91
C1A HEM B . 1.02 5.12 2.01
C2A HEM B . 1.26 6.13 3.02
C3A HEM B . 1.75 7.20 2.40
C4A HEM B . 1.83 6.91 0.98
CMA HEM B . 2.22 8.50 3.06
CAA HEM B . 0.98 5.94 4.51
CBA HEM B . 2.21 5.34 5.19
CGA HEM B . 2.09 5.23 6.70
O1A HEM B . 1.49 6.11 7.34
O2A HEM B . 2.63 4.21 7.23
C1B HEM B . 2.45 7.48 -1.30
C2B HEM B . 2.87 8.40 -2.31
C3B HEM B . 2.84 7.77 -3.49
C4B HEM B . 2.31 6.45 -3.28
CMB HEM B . 3.47 9.79 -2.02
CAB HEM B . 3.21 8.26 -4.88
CBB HEM B . 4.13 9.10 -5.18
C1C HEM B . 1.98 4.12 -3.97
C2C HEM B . 2.02 3.05 -4.94
C3C HEM B . 1.80 1.91 -4.27
C4C HEM B . 1.57 2.23 -2.88
CMC HEM B . 2.33 3.23 -6.43
CAC HEM B . 1.84 0.50 -4.78
CBC HEM B . 2.83 0.17 -5.69
C1D HEM B . 0.88 1.66 -0.59
C2D HEM B . 0.47 0.72 0.40
C3D HEM B . 0.27 1.45 1.61
C4D HEM B . 0.57 2.83 1.31
CMD HEM B . 0.26 -0.78 0.18
CAD HEM B . -0.15 0.87 2.94
CBD HEM B . 1.05 0.28 3.69
CGD HEM B . 0.52 -0.39 4.89
O1D HEM B . 0.84 0.08 6.02
O2D HEM B . -0.25 -1.36 4.77
NA HEM B . 1.39 5.62 0.78
NB HEM B . 2.09 6.29 -1.92
NC HEM B . 1.65 3.60 -2.73
ND HEM B . 0.91 2.93 -0.03
FE HEM B . 1.62 4.57 -0.95
S SO4 C . -1.65 -11.31 -14.55
O1 SO4 C . -2.70 -11.69 -13.65
O2 SO4 C . -2.21 -10.48 -15.57
O3 SO4 C . -1.03 -12.55 -15.02
O4 SO4 C . -0.61 -10.51 -13.86
#